data_7APO
#
_entry.id   7APO
#
_cell.length_a   53.694
_cell.length_b   47.573
_cell.length_c   120.999
_cell.angle_alpha   90.000
_cell.angle_beta   96.169
_cell.angle_gamma   90.000
#
_symmetry.space_group_name_H-M   'P 1 21 1'
#
loop_
_entity.id
_entity.type
_entity.pdbx_description
1 polymer 'Retinoic acid receptor alpha'
2 polymer 'Nuclear receptor coactivator 2'
3 non-polymer '4-{[(5,5,8,8-tetramethyl-5,6,7,8-tetrahydronaphthalen-2-yl)carbonyl]amino}benzoic acid'
4 non-polymer GLYCEROL
5 water water
#
loop_
_entity_poly.entity_id
_entity_poly.type
_entity_poly.pdbx_seq_one_letter_code
_entity_poly.pdbx_strand_id
1 'polypeptide(L)'
;GSHESYTLTPEVGELIEKVRKAHQETFPALCQLGKYTTNNSSEQRVSLDIDLWDKFSELSTKCIIKTVEFAKQLPGFTTL
TIADQITLLKAACLDILILRICTRYTPEQDTMTFSDGLTLNRTQMHNAGFGPLTDLVFAFANQLLPLEMDDAETGLLSAI
CLICGDRQDLEQPDRVDMLQEPLLEALKVYVRKRRPSRPHMFPKMLMKITDLRSISAKGAERVITLKMEIPGSMPPLIQE
MLENSEGLD
;
A,B
2 'polypeptide(L)' KHKILHRLLQDSSSPVDLAKLTAEATGK C,D
#
# COMPACT_ATOMS: atom_id res chain seq x y z
N GLU A 11 27.95 12.04 9.75
CA GLU A 11 26.85 12.71 9.04
C GLU A 11 25.58 11.88 9.11
N VAL A 12 25.65 10.62 8.68
CA VAL A 12 24.48 9.77 8.71
C VAL A 12 24.17 9.33 10.15
N GLY A 13 25.18 9.25 11.01
CA GLY A 13 24.93 8.96 12.41
C GLY A 13 24.17 10.07 13.10
N GLU A 14 24.41 11.33 12.71
CA GLU A 14 23.67 12.43 13.30
C GLU A 14 22.23 12.45 12.80
N LEU A 15 22.00 12.08 11.54
CA LEU A 15 20.64 11.97 11.02
C LEU A 15 19.88 10.86 11.76
N ILE A 16 20.52 9.72 11.96
CA ILE A 16 19.91 8.64 12.74
C ILE A 16 19.62 9.12 14.16
N GLU A 17 20.58 9.84 14.76
CA GLU A 17 20.37 10.33 16.12
C GLU A 17 19.26 11.37 16.16
N LYS A 18 19.14 12.20 15.11
CA LYS A 18 18.09 13.21 15.09
C LYS A 18 16.71 12.57 14.97
N VAL A 19 16.58 11.57 14.10
CA VAL A 19 15.28 10.94 13.90
C VAL A 19 14.89 10.12 15.12
N ARG A 20 15.85 9.39 15.70
CA ARG A 20 15.57 8.62 16.91
C ARG A 20 15.14 9.53 18.05
N LYS A 21 15.87 10.64 18.24
CA LYS A 21 15.50 11.61 19.26
C LYS A 21 14.09 12.13 19.03
N ALA A 22 13.75 12.44 17.77
CA ALA A 22 12.45 13.00 17.45
C ALA A 22 11.34 11.99 17.74
N HIS A 23 11.60 10.71 17.48
CA HIS A 23 10.58 9.69 17.76
C HIS A 23 10.42 9.46 19.26
N GLN A 24 11.52 9.44 20.00
CA GLN A 24 11.44 9.24 21.45
C GLN A 24 10.72 10.40 22.12
N GLU A 25 10.94 11.62 21.63
CA GLU A 25 10.36 12.79 22.28
C GLU A 25 8.86 12.91 22.03
N THR A 26 8.37 12.36 20.91
CA THR A 26 6.96 12.46 20.56
C THR A 26 6.21 11.14 20.68
N PHE A 27 6.85 10.07 21.12
CA PHE A 27 6.21 8.76 21.25
C PHE A 27 6.88 7.98 22.35
N PRO A 28 6.30 7.96 23.56
CA PRO A 28 6.94 7.27 24.68
C PRO A 28 6.91 5.75 24.48
N ALA A 29 8.02 5.11 24.85
CA ALA A 29 8.12 3.67 24.75
C ALA A 29 7.14 2.98 25.70
N LEU A 30 6.86 1.72 25.40
CA LEU A 30 5.97 0.93 26.24
C LEU A 30 6.54 0.72 27.64
N CYS A 31 7.84 0.89 27.82
CA CYS A 31 8.45 0.67 29.13
C CYS A 31 7.97 1.68 30.16
N GLN A 32 7.78 2.92 29.75
CA GLN A 32 7.46 3.99 30.69
C GLN A 32 5.97 4.10 31.01
N LEU A 33 5.11 3.43 30.25
CA LEU A 33 3.67 3.58 30.40
C LEU A 33 3.11 2.55 31.37
N GLY A 34 2.27 3.02 32.26
CA GLY A 34 1.56 2.17 33.17
C GLY A 34 0.24 1.79 32.53
N LYS A 35 0.02 0.52 32.35
CA LYS A 35 -1.17 0.04 31.74
C LYS A 35 -2.42 0.04 32.57
N TYR A 36 -3.54 0.22 31.92
CA TYR A 36 -4.79 0.15 32.57
C TYR A 36 -5.69 -0.52 31.60
N THR A 37 -6.67 -1.22 32.11
CA THR A 37 -7.55 -1.99 31.28
C THR A 37 -9.00 -1.68 31.63
N THR A 38 -9.83 -1.58 30.61
CA THR A 38 -11.28 -1.57 30.76
C THR A 38 -11.81 -2.98 30.51
N ASN A 39 -12.99 -3.26 31.07
CA ASN A 39 -13.60 -4.56 30.91
C ASN A 39 -14.90 -4.52 30.12
N ASN A 40 -15.41 -3.34 29.80
CA ASN A 40 -16.61 -3.26 28.99
C ASN A 40 -16.31 -3.51 27.53
N SER A 41 -17.29 -4.06 26.83
CA SER A 41 -17.22 -4.29 25.39
C SER A 41 -16.02 -5.16 25.02
N SER A 42 -15.62 -6.07 25.90
CA SER A 42 -14.41 -6.84 25.72
C SER A 42 -14.65 -8.28 25.28
N GLU A 43 -15.89 -8.76 25.33
CA GLU A 43 -16.18 -10.14 24.97
C GLU A 43 -17.02 -10.29 23.71
N GLN A 44 -17.91 -9.34 23.44
CA GLN A 44 -18.80 -9.40 22.28
C GLN A 44 -18.46 -8.28 21.31
N ARG A 45 -18.44 -8.59 20.01
CA ARG A 45 -18.18 -7.59 18.99
C ARG A 45 -19.46 -6.84 18.67
N VAL A 46 -19.40 -5.51 18.74
CA VAL A 46 -20.51 -4.65 18.38
C VAL A 46 -20.07 -3.76 17.22
N SER A 47 -21.04 -3.12 16.57
CA SER A 47 -20.73 -2.20 15.48
C SER A 47 -19.88 -1.04 15.96
N LEU A 48 -20.21 -0.49 17.13
CA LEU A 48 -19.45 0.61 17.72
C LEU A 48 -19.82 0.82 19.18
N ASP A 49 -18.84 0.68 20.07
CA ASP A 49 -19.00 1.04 21.47
C ASP A 49 -18.73 2.53 21.60
N ILE A 50 -19.79 3.31 21.86
CA ILE A 50 -19.69 4.76 21.85
C ILE A 50 -18.56 5.24 22.74
N ASP A 51 -18.44 4.61 23.88
CA ASP A 51 -17.47 4.94 24.91
C ASP A 51 -16.05 4.76 24.56
N LEU A 52 -15.73 3.59 24.09
CA LEU A 52 -14.38 3.33 23.59
C LEU A 52 -14.04 4.25 22.43
N TRP A 53 -15.02 4.54 21.57
CA TRP A 53 -14.80 5.46 20.47
C TRP A 53 -14.44 6.86 20.97
N ASP A 54 -15.08 7.31 22.05
CA ASP A 54 -14.79 8.63 22.57
C ASP A 54 -13.32 8.74 23.00
N LYS A 55 -12.84 7.76 23.76
CA LYS A 55 -11.43 7.75 24.14
C LYS A 55 -10.54 7.53 22.94
N PHE A 56 -10.91 6.61 22.05
CA PHE A 56 -10.07 6.29 20.90
C PHE A 56 -9.89 7.51 20.00
N SER A 57 -10.96 8.24 19.73
CA SER A 57 -10.87 9.43 18.89
C SER A 57 -10.06 10.53 19.59
N GLU A 58 -10.22 10.67 20.91
CA GLU A 58 -9.45 11.66 21.66
C GLU A 58 -7.97 11.32 21.62
N LEU A 59 -7.61 10.05 21.86
CA LEU A 59 -6.21 9.64 21.85
C LEU A 59 -5.59 9.75 20.46
N SER A 60 -6.36 9.48 19.40
CA SER A 60 -5.81 9.62 18.06
C SER A 60 -5.59 11.09 17.71
N THR A 61 -6.51 11.96 18.10
CA THR A 61 -6.30 13.39 17.89
C THR A 61 -4.99 13.85 18.54
N LYS A 62 -4.69 13.35 19.74
CA LYS A 62 -3.47 13.76 20.44
C LYS A 62 -2.22 13.21 19.77
N CYS A 63 -2.31 11.99 19.22
CA CYS A 63 -1.16 11.41 18.52
C CYS A 63 -0.94 12.02 17.15
N ILE A 64 -2.02 12.48 16.50
CA ILE A 64 -1.87 13.26 15.28
C ILE A 64 -1.06 14.52 15.55
N ILE A 65 -1.36 15.19 16.68
CA ILE A 65 -0.58 16.37 17.08
C ILE A 65 0.87 15.99 17.32
N LYS A 66 1.11 14.84 17.95
CA LYS A 66 2.47 14.38 18.16
C LYS A 66 3.17 14.08 16.84
N THR A 67 2.41 13.64 15.83
CA THR A 67 3.03 13.35 14.54
C THR A 67 3.53 14.62 13.87
N VAL A 68 2.84 15.74 14.06
CA VAL A 68 3.28 17.00 13.48
C VAL A 68 4.51 17.53 14.19
N GLU A 69 4.53 17.45 15.53
CA GLU A 69 5.74 17.77 16.28
C GLU A 69 6.91 16.93 15.81
N PHE A 70 6.67 15.63 15.60
CA PHE A 70 7.72 14.75 15.13
C PHE A 70 8.20 15.15 13.74
N ALA A 71 7.26 15.47 12.85
CA ALA A 71 7.63 15.90 11.51
C ALA A 71 8.44 17.18 11.53
N LYS A 72 8.09 18.11 12.44
CA LYS A 72 8.79 19.39 12.49
C LYS A 72 10.23 19.25 12.98
N GLN A 73 10.57 18.12 13.61
CA GLN A 73 11.93 17.89 14.06
CA GLN A 73 11.94 17.87 14.05
C GLN A 73 12.77 17.14 13.02
N LEU A 74 12.16 16.65 11.94
CA LEU A 74 12.89 15.96 10.89
C LEU A 74 13.64 16.98 10.03
N PRO A 75 14.94 16.79 9.82
CA PRO A 75 15.71 17.81 9.08
C PRO A 75 15.20 17.97 7.66
N GLY A 76 14.93 19.21 7.28
CA GLY A 76 14.47 19.55 5.96
C GLY A 76 12.97 19.72 5.83
N PHE A 77 12.19 19.12 6.73
CA PHE A 77 10.74 19.12 6.57
C PHE A 77 10.17 20.54 6.62
N THR A 78 10.69 21.37 7.53
CA THR A 78 10.18 22.74 7.64
C THR A 78 10.65 23.64 6.51
N THR A 79 11.62 23.22 5.70
CA THR A 79 12.02 23.99 4.54
C THR A 79 11.07 23.80 3.35
N LEU A 80 10.27 22.75 3.37
CA LEU A 80 9.23 22.57 2.36
C LEU A 80 8.13 23.60 2.58
N THR A 81 7.41 23.90 1.50
CA THR A 81 6.28 24.83 1.62
C THR A 81 5.24 24.25 2.57
N ILE A 82 4.51 25.14 3.23
CA ILE A 82 3.48 24.72 4.17
C ILE A 82 2.42 23.88 3.46
N ALA A 83 2.12 24.23 2.21
CA ALA A 83 1.17 23.45 1.42
C ALA A 83 1.63 22.00 1.31
N ASP A 84 2.93 21.79 1.03
CA ASP A 84 3.46 20.45 0.89
C ASP A 84 3.55 19.73 2.23
N GLN A 85 3.93 20.46 3.29
CA GLN A 85 3.94 19.87 4.62
C GLN A 85 2.55 19.36 5.01
N ILE A 86 1.52 20.19 4.79
CA ILE A 86 0.15 19.77 5.01
C ILE A 86 -0.18 18.55 4.17
N THR A 87 0.22 18.58 2.89
CA THR A 87 -0.09 17.48 1.99
C THR A 87 0.60 16.19 2.43
N LEU A 88 1.88 16.27 2.82
CA LEU A 88 2.57 15.09 3.30
C LEU A 88 1.96 14.56 4.60
N LEU A 89 1.61 15.47 5.51
CA LEU A 89 1.09 15.05 6.81
C LEU A 89 -0.28 14.40 6.67
N LYS A 90 -1.16 14.96 5.83
CA LYS A 90 -2.46 14.35 5.62
C LYS A 90 -2.33 12.97 4.99
N ALA A 91 -1.39 12.79 4.07
CA ALA A 91 -1.28 11.54 3.35
C ALA A 91 -0.59 10.44 4.16
N ALA A 92 0.18 10.80 5.18
CA ALA A 92 0.89 9.84 6.00
C ALA A 92 0.28 9.70 7.40
N CYS A 93 -0.77 10.48 7.69
CA CYS A 93 -1.36 10.51 9.02
C CYS A 93 -1.71 9.11 9.52
N LEU A 94 -2.56 8.40 8.75
CA LEU A 94 -3.01 7.08 9.19
C LEU A 94 -1.87 6.06 9.19
N ASP A 95 -0.92 6.15 8.24
CA ASP A 95 0.24 5.26 8.25
C ASP A 95 0.96 5.32 9.59
N ILE A 96 1.31 6.53 10.04
CA ILE A 96 2.14 6.69 11.22
C ILE A 96 1.36 6.33 12.49
N LEU A 97 0.06 6.65 12.52
CA LEU A 97 -0.77 6.25 13.66
C LEU A 97 -0.84 4.74 13.78
N ILE A 98 -1.06 4.05 12.67
CA ILE A 98 -1.18 2.60 12.71
C ILE A 98 0.17 1.96 13.03
N LEU A 99 1.24 2.47 12.45
CA LEU A 99 2.58 1.96 12.79
C LEU A 99 2.87 2.16 14.27
N ARG A 100 2.46 3.30 14.82
CA ARG A 100 2.74 3.58 16.23
C ARG A 100 2.03 2.58 17.14
N ILE A 101 0.72 2.40 16.94
CA ILE A 101 -0.02 1.50 17.81
C ILE A 101 0.42 0.05 17.62
N CYS A 102 0.85 -0.32 16.42
CA CYS A 102 1.32 -1.68 16.20
C CYS A 102 2.69 -1.93 16.82
N THR A 103 3.47 -0.86 17.07
CA THR A 103 4.72 -0.99 17.78
C THR A 103 4.51 -1.23 19.27
N ARG A 104 3.31 -0.93 19.79
CA ARG A 104 2.98 -1.12 21.19
C ARG A 104 2.15 -2.38 21.41
N TYR A 105 2.36 -3.41 20.60
CA TYR A 105 1.61 -4.64 20.67
C TYR A 105 2.28 -5.62 21.62
N THR A 106 1.49 -6.18 22.54
CA THR A 106 1.99 -7.16 23.49
C THR A 106 1.58 -8.55 23.02
N PRO A 107 2.50 -9.35 22.50
CA PRO A 107 2.09 -10.65 21.91
C PRO A 107 1.46 -11.61 22.91
N GLU A 108 2.01 -11.70 24.12
CA GLU A 108 1.49 -12.68 25.08
C GLU A 108 0.05 -12.38 25.46
N GLN A 109 -0.32 -11.10 25.49
CA GLN A 109 -1.67 -10.70 25.85
CA GLN A 109 -1.67 -10.66 25.84
C GLN A 109 -2.56 -10.44 24.63
N ASP A 110 -1.98 -10.34 23.43
CA ASP A 110 -2.70 -9.98 22.22
C ASP A 110 -3.42 -8.64 22.41
N THR A 111 -2.69 -7.66 22.91
CA THR A 111 -3.24 -6.35 23.21
C THR A 111 -2.37 -5.26 22.60
N MET A 112 -2.95 -4.07 22.52
CA MET A 112 -2.23 -2.87 22.11
C MET A 112 -2.42 -1.79 23.16
N THR A 113 -1.34 -1.08 23.47
CA THR A 113 -1.35 -0.05 24.50
C THR A 113 -1.19 1.32 23.85
N PHE A 114 -2.08 2.25 24.21
CA PHE A 114 -2.01 3.62 23.72
C PHE A 114 -1.05 4.43 24.59
N SER A 115 -0.86 5.71 24.25
CA SER A 115 0.16 6.51 24.93
C SER A 115 -0.23 6.87 26.36
N ASP A 116 -1.52 6.85 26.69
CA ASP A 116 -1.95 7.09 28.06
C ASP A 116 -2.01 5.82 28.89
N GLY A 117 -1.70 4.67 28.30
CA GLY A 117 -1.71 3.40 29.00
C GLY A 117 -2.93 2.54 28.74
N LEU A 118 -3.90 3.05 27.97
CA LEU A 118 -5.07 2.24 27.62
C LEU A 118 -4.65 1.02 26.82
N THR A 119 -4.98 -0.16 27.34
CA THR A 119 -4.54 -1.43 26.77
C THR A 119 -5.78 -2.21 26.36
N LEU A 120 -6.00 -2.35 25.05
CA LEU A 120 -7.20 -2.97 24.51
C LEU A 120 -6.87 -4.31 23.88
N ASN A 121 -7.78 -5.27 24.02
CA ASN A 121 -7.65 -6.54 23.32
C ASN A 121 -8.26 -6.43 21.94
N ARG A 122 -8.28 -7.54 21.21
CA ARG A 122 -8.72 -7.52 19.82
C ARG A 122 -10.17 -7.06 19.71
N THR A 123 -11.06 -7.63 20.52
CA THR A 123 -12.48 -7.27 20.46
C THR A 123 -12.68 -5.79 20.77
N GLN A 124 -11.97 -5.26 21.76
CA GLN A 124 -12.14 -3.85 22.13
C GLN A 124 -11.61 -2.93 21.03
N MET A 125 -10.52 -3.33 20.36
CA MET A 125 -10.04 -2.55 19.22
C MET A 125 -11.10 -2.49 18.12
N HIS A 126 -11.80 -3.59 17.89
CA HIS A 126 -12.86 -3.61 16.89
C HIS A 126 -13.99 -2.65 17.28
N ASN A 127 -14.50 -2.80 18.51
CA ASN A 127 -15.64 -1.99 18.95
C ASN A 127 -15.28 -0.51 19.11
N ALA A 128 -14.00 -0.19 19.27
CA ALA A 128 -13.60 1.22 19.40
C ALA A 128 -13.70 1.98 18.09
N GLY A 129 -13.61 1.29 16.95
CA GLY A 129 -13.75 1.96 15.67
C GLY A 129 -13.04 1.26 14.52
N PHE A 130 -12.17 0.30 14.83
CA PHE A 130 -11.39 -0.36 13.79
C PHE A 130 -12.28 -1.18 12.85
N GLY A 131 -13.25 -1.89 13.41
CA GLY A 131 -14.17 -2.67 12.61
C GLY A 131 -13.45 -3.73 11.79
N PRO A 132 -13.75 -3.77 10.49
CA PRO A 132 -13.11 -4.79 9.62
C PRO A 132 -11.62 -4.60 9.45
N LEU A 133 -11.03 -3.50 9.92
CA LEU A 133 -9.59 -3.36 9.87
C LEU A 133 -8.87 -4.08 11.00
N THR A 134 -9.61 -4.59 11.98
CA THR A 134 -8.99 -5.11 13.19
C THR A 134 -7.99 -6.22 12.89
N ASP A 135 -8.44 -7.27 12.20
CA ASP A 135 -7.55 -8.39 11.92
C ASP A 135 -6.37 -7.96 11.05
N LEU A 136 -6.59 -7.01 10.14
CA LEU A 136 -5.48 -6.50 9.33
C LEU A 136 -4.41 -5.85 10.20
N VAL A 137 -4.84 -5.07 11.20
CA VAL A 137 -3.88 -4.36 12.03
C VAL A 137 -3.15 -5.32 12.96
N PHE A 138 -3.87 -6.27 13.56
CA PHE A 138 -3.24 -7.22 14.46
C PHE A 138 -2.28 -8.14 13.71
N ALA A 139 -2.59 -8.47 12.45
CA ALA A 139 -1.66 -9.27 11.66
C ALA A 139 -0.38 -8.49 11.38
N PHE A 140 -0.51 -7.22 11.00
CA PHE A 140 0.65 -6.37 10.78
C PHE A 140 1.49 -6.23 12.05
N ALA A 141 0.84 -6.07 13.20
CA ALA A 141 1.59 -5.96 14.46
C ALA A 141 2.38 -7.23 14.74
N ASN A 142 1.86 -8.39 14.35
CA ASN A 142 2.61 -9.63 14.50
C ASN A 142 3.73 -9.72 13.48
N GLN A 143 3.49 -9.24 12.26
CA GLN A 143 4.54 -9.26 11.24
C GLN A 143 5.72 -8.36 11.62
N LEU A 144 5.51 -7.35 12.45
CA LEU A 144 6.61 -6.51 12.89
C LEU A 144 7.51 -7.19 13.93
N LEU A 145 7.00 -8.20 14.63
CA LEU A 145 7.75 -8.78 15.74
C LEU A 145 9.12 -9.31 15.35
N PRO A 146 9.29 -10.10 14.28
CA PRO A 146 10.64 -10.59 13.97
C PRO A 146 11.61 -9.49 13.53
N LEU A 147 11.13 -8.30 13.16
CA LEU A 147 12.05 -7.24 12.76
C LEU A 147 12.85 -6.67 13.94
N GLU A 148 12.42 -6.91 15.17
CA GLU A 148 13.04 -6.41 16.43
C GLU A 148 13.32 -4.95 16.34
N MET A 149 12.27 -4.19 16.18
CA MET A 149 12.40 -2.78 16.00
C MET A 149 12.59 -1.93 17.19
N ASP A 150 13.48 -0.98 17.06
CA ASP A 150 13.72 -0.08 18.17
C ASP A 150 13.21 1.31 17.81
N ASP A 151 13.58 2.30 18.61
CA ASP A 151 13.09 3.66 18.37
C ASP A 151 13.63 4.23 17.07
N ALA A 152 14.92 3.98 16.78
CA ALA A 152 15.52 4.52 15.56
C ALA A 152 14.83 3.95 14.33
N GLU A 153 14.63 2.63 14.28
CA GLU A 153 14.00 2.01 13.11
C GLU A 153 12.54 2.45 12.97
N THR A 154 11.83 2.59 14.09
CA THR A 154 10.44 3.04 14.01
C THR A 154 10.35 4.49 13.57
N GLY A 155 11.24 5.34 14.10
CA GLY A 155 11.28 6.73 13.65
C GLY A 155 11.65 6.84 12.18
N LEU A 156 12.65 6.07 11.75
CA LEU A 156 13.08 6.12 10.36
C LEU A 156 11.99 5.62 9.43
N LEU A 157 11.25 4.59 9.84
CA LEU A 157 10.15 4.12 9.01
C LEU A 157 9.06 5.18 8.91
N SER A 158 8.72 5.81 10.03
CA SER A 158 7.73 6.89 10.01
C SER A 158 8.21 8.04 9.14
N ALA A 159 9.47 8.43 9.29
CA ALA A 159 10.01 9.53 8.50
C ALA A 159 10.00 9.21 7.01
N ILE A 160 10.18 7.94 6.65
CA ILE A 160 10.20 7.56 5.24
C ILE A 160 8.79 7.56 4.66
N CYS A 161 7.81 7.05 5.42
CA CYS A 161 6.43 7.10 4.96
C CYS A 161 5.95 8.54 4.80
N LEU A 162 6.38 9.43 5.71
CA LEU A 162 5.90 10.81 5.68
C LEU A 162 6.52 11.58 4.51
N ILE A 163 7.85 11.55 4.41
CA ILE A 163 8.55 12.33 3.37
C ILE A 163 8.60 11.42 2.14
N CYS A 164 7.49 11.38 1.42
CA CYS A 164 7.35 10.57 0.22
C CYS A 164 7.06 11.50 -0.95
N GLY A 165 7.98 11.53 -1.91
CA GLY A 165 7.84 12.41 -3.06
C GLY A 165 6.78 12.00 -4.05
N ASP A 166 6.13 10.85 -3.86
CA ASP A 166 5.13 10.37 -4.82
C ASP A 166 3.71 10.69 -4.39
N ARG A 167 3.53 11.43 -3.30
CA ARG A 167 2.21 11.86 -2.86
C ARG A 167 1.60 12.80 -3.90
N GLN A 168 0.28 12.72 -4.05
CA GLN A 168 -0.43 13.63 -4.93
C GLN A 168 -0.38 15.06 -4.40
N ASP A 169 -0.56 16.00 -5.33
CA ASP A 169 -0.65 17.44 -5.05
C ASP A 169 0.63 18.05 -4.50
N LEU A 170 1.75 17.34 -4.57
CA LEU A 170 3.02 17.90 -4.10
C LEU A 170 3.50 18.98 -5.06
N GLU A 171 3.73 20.18 -4.53
CA GLU A 171 4.20 21.28 -5.37
C GLU A 171 5.65 21.07 -5.81
N GLN A 172 6.47 20.49 -4.94
CA GLN A 172 7.88 20.23 -5.23
C GLN A 172 8.22 18.78 -4.90
N PRO A 173 7.79 17.85 -5.69
CA PRO A 173 8.06 16.45 -5.43
C PRO A 173 9.52 16.10 -5.45
N ASP A 174 10.26 16.83 -6.22
CA ASP A 174 11.66 16.65 -6.36
C ASP A 174 12.41 16.95 -5.10
N ARG A 175 12.10 18.03 -4.43
CA ARG A 175 12.72 18.35 -3.16
C ARG A 175 12.38 17.32 -2.10
N VAL A 176 11.13 16.84 -2.10
CA VAL A 176 10.72 15.82 -1.15
C VAL A 176 11.50 14.52 -1.38
N ASP A 177 11.66 14.13 -2.65
CA ASP A 177 12.48 12.97 -2.96
C ASP A 177 13.93 13.17 -2.51
N MET A 178 14.43 14.41 -2.62
CA MET A 178 15.78 14.72 -2.16
C MET A 178 15.93 14.50 -0.66
N LEU A 179 14.85 14.70 0.10
CA LEU A 179 14.91 14.51 1.55
C LEU A 179 14.73 13.06 1.95
N GLN A 180 14.01 12.27 1.14
CA GLN A 180 13.76 10.89 1.49
C GLN A 180 14.97 10.00 1.27
N GLU A 181 15.81 10.33 0.28
CA GLU A 181 16.97 9.49 -0.02
C GLU A 181 17.93 9.36 1.16
N PRO A 182 18.32 10.44 1.86
CA PRO A 182 19.18 10.24 3.04
C PRO A 182 18.53 9.40 4.12
N LEU A 183 17.20 9.42 4.22
CA LEU A 183 16.52 8.63 5.23
C LEU A 183 16.58 7.14 4.91
N LEU A 184 16.41 6.77 3.64
CA LEU A 184 16.45 5.36 3.27
C LEU A 184 17.84 4.77 3.48
N GLU A 185 18.88 5.52 3.11
CA GLU A 185 20.23 5.02 3.31
C GLU A 185 20.62 5.05 4.79
N ALA A 186 20.05 5.97 5.56
CA ALA A 186 20.25 5.94 7.00
C ALA A 186 19.69 4.65 7.60
N LEU A 187 18.50 4.25 7.17
CA LEU A 187 17.90 3.01 7.65
C LEU A 187 18.69 1.80 7.19
N LYS A 188 19.18 1.80 5.94
CA LYS A 188 19.98 0.68 5.45
C LYS A 188 21.26 0.54 6.24
N VAL A 189 21.94 1.65 6.53
CA VAL A 189 23.17 1.62 7.31
C VAL A 189 22.88 1.17 8.73
N TYR A 190 21.81 1.66 9.30
CA TYR A 190 21.42 1.29 10.64
C TYR A 190 21.12 -0.18 10.78
N VAL A 191 20.50 -0.77 9.78
CA VAL A 191 20.17 -2.16 9.83
C VAL A 191 21.42 -2.99 9.68
N ARG A 192 22.35 -2.55 8.89
CA ARG A 192 23.57 -3.33 8.74
C ARG A 192 24.37 -3.37 10.04
N LYS A 193 24.38 -2.27 10.79
CA LYS A 193 25.16 -2.24 12.03
C LYS A 193 24.45 -2.91 13.19
N ARG A 194 23.12 -2.87 13.23
CA ARG A 194 22.39 -3.41 14.37
C ARG A 194 22.25 -4.93 14.29
N ARG A 195 21.85 -5.44 13.13
CA ARG A 195 21.62 -6.87 12.94
C ARG A 195 22.45 -7.36 11.75
N PRO A 196 23.75 -7.59 11.96
CA PRO A 196 24.55 -8.19 10.87
C PRO A 196 24.16 -9.62 10.54
N SER A 197 23.46 -10.32 11.43
CA SER A 197 23.05 -11.69 11.16
C SER A 197 21.98 -11.75 10.08
N ARG A 198 20.92 -10.97 10.24
CA ARG A 198 19.85 -10.92 9.26
C ARG A 198 20.37 -10.38 7.94
N PRO A 199 20.34 -11.16 6.85
CA PRO A 199 20.96 -10.70 5.61
C PRO A 199 20.14 -9.65 4.88
N HIS A 200 18.84 -9.89 4.73
CA HIS A 200 17.96 -9.08 3.90
C HIS A 200 16.96 -8.29 4.75
N MET A 201 17.41 -7.78 5.90
CA MET A 201 16.53 -7.06 6.80
C MET A 201 16.10 -5.72 6.22
N PHE A 202 16.95 -5.08 5.41
CA PHE A 202 16.60 -3.77 4.87
C PHE A 202 15.44 -3.84 3.88
N PRO A 203 15.45 -4.71 2.86
CA PRO A 203 14.28 -4.76 1.97
C PRO A 203 13.01 -5.24 2.67
N LYS A 204 13.12 -6.13 3.67
CA LYS A 204 11.93 -6.60 4.35
C LYS A 204 11.27 -5.50 5.16
N MET A 205 12.08 -4.58 5.71
CA MET A 205 11.50 -3.41 6.37
C MET A 205 10.74 -2.55 5.38
N LEU A 206 11.32 -2.32 4.21
CA LEU A 206 10.63 -1.54 3.19
C LEU A 206 9.33 -2.24 2.76
N MET A 207 9.34 -3.58 2.71
CA MET A 207 8.12 -4.30 2.36
C MET A 207 7.04 -4.09 3.41
N LYS A 208 7.42 -3.81 4.66
CA LYS A 208 6.44 -3.52 5.69
C LYS A 208 5.74 -2.18 5.43
N ILE A 209 6.42 -1.24 4.79
CA ILE A 209 5.77 0.01 4.41
C ILE A 209 4.67 -0.24 3.39
N THR A 210 4.89 -1.21 2.49
CA THR A 210 3.84 -1.58 1.53
C THR A 210 2.60 -2.10 2.25
N ASP A 211 2.79 -2.98 3.24
CA ASP A 211 1.65 -3.46 4.04
C ASP A 211 0.96 -2.30 4.73
N LEU A 212 1.74 -1.40 5.34
CA LEU A 212 1.18 -0.30 6.10
C LEU A 212 0.36 0.63 5.22
N ARG A 213 0.87 0.94 4.02
CA ARG A 213 0.14 1.83 3.13
C ARG A 213 -1.13 1.17 2.59
N SER A 214 -1.13 -0.16 2.47
CA SER A 214 -2.34 -0.86 2.08
C SER A 214 -3.41 -0.77 3.17
N ILE A 215 -3.01 -0.98 4.42
CA ILE A 215 -3.97 -0.95 5.53
C ILE A 215 -4.56 0.45 5.69
N SER A 216 -3.72 1.48 5.59
CA SER A 216 -4.21 2.84 5.82
C SER A 216 -5.03 3.35 4.65
N ALA A 217 -4.81 2.82 3.44
CA ALA A 217 -5.74 3.10 2.36
C ALA A 217 -7.12 2.53 2.69
N LYS A 218 -7.16 1.33 3.25
CA LYS A 218 -8.42 0.80 3.75
C LYS A 218 -8.90 1.54 4.99
N GLY A 219 -8.00 2.22 5.70
CA GLY A 219 -8.42 3.06 6.80
C GLY A 219 -9.22 4.26 6.34
N ALA A 220 -8.77 4.92 5.27
CA ALA A 220 -9.51 6.05 4.72
C ALA A 220 -10.90 5.65 4.27
N GLU A 221 -11.10 4.36 3.95
CA GLU A 221 -12.42 3.86 3.61
C GLU A 221 -13.29 3.67 4.86
N ARG A 222 -12.70 3.17 5.94
CA ARG A 222 -13.43 2.94 7.18
C ARG A 222 -13.94 4.24 7.78
N VAL A 223 -13.22 5.34 7.54
CA VAL A 223 -13.64 6.64 8.06
C VAL A 223 -15.02 7.02 7.54
N ILE A 224 -15.28 6.72 6.28
CA ILE A 224 -16.57 7.10 5.68
C ILE A 224 -17.72 6.40 6.40
N THR A 225 -17.57 5.09 6.66
CA THR A 225 -18.64 4.37 7.35
C THR A 225 -18.68 4.66 8.84
N LEU A 226 -17.55 5.07 9.43
CA LEU A 226 -17.54 5.41 10.84
C LEU A 226 -18.41 6.64 11.11
N LYS A 227 -18.43 7.59 10.16
CA LYS A 227 -19.16 8.83 10.37
C LYS A 227 -20.66 8.58 10.57
N MET A 228 -21.23 7.63 9.82
CA MET A 228 -22.66 7.36 9.94
C MET A 228 -23.02 6.54 11.16
N GLU A 229 -22.02 5.99 11.87
CA GLU A 229 -22.28 5.17 13.06
C GLU A 229 -22.01 5.89 14.38
N ILE A 230 -21.06 6.81 14.41
CA ILE A 230 -20.72 7.52 15.65
C ILE A 230 -21.88 8.42 16.05
N PRO A 231 -22.05 8.71 17.34
CA PRO A 231 -23.12 9.62 17.78
C PRO A 231 -22.73 11.09 17.73
N GLY A 232 -22.75 11.65 16.52
CA GLY A 232 -22.37 13.04 16.34
C GLY A 232 -21.56 13.26 15.07
N SER A 233 -20.38 13.86 15.21
CA SER A 233 -19.50 14.08 14.08
C SER A 233 -18.05 13.98 14.53
N MET A 234 -17.17 13.75 13.55
CA MET A 234 -15.77 13.49 13.80
C MET A 234 -15.10 14.71 14.46
N PRO A 235 -14.09 14.50 15.30
CA PRO A 235 -13.38 15.64 15.87
C PRO A 235 -12.78 16.49 14.78
N PRO A 236 -12.57 17.79 15.04
CA PRO A 236 -12.15 18.71 13.97
C PRO A 236 -10.83 18.35 13.29
N LEU A 237 -9.80 17.97 14.07
CA LEU A 237 -8.51 17.71 13.45
C LEU A 237 -8.52 16.43 12.62
N ILE A 238 -9.26 15.43 13.02
CA ILE A 238 -9.31 14.23 12.27
C ILE A 238 -10.00 14.46 10.95
N GLN A 239 -11.00 15.28 11.00
CA GLN A 239 -11.76 15.62 9.85
C GLN A 239 -10.95 16.39 8.84
N GLU A 240 -10.03 17.19 9.29
CA GLU A 240 -9.15 17.93 8.40
C GLU A 240 -8.10 17.02 7.77
N MET A 241 -7.57 16.08 8.55
CA MET A 241 -6.48 15.23 8.06
C MET A 241 -6.97 14.26 6.99
N LEU A 242 -8.19 13.76 7.13
CA LEU A 242 -8.68 12.65 6.31
C LEU A 242 -9.68 13.18 5.29
N GLU A 243 -9.49 12.78 4.03
CA GLU A 243 -9.97 13.52 2.86
C GLU A 243 -9.47 14.96 2.94
N PRO B 10 24.87 -18.38 -7.56
CA PRO B 10 24.70 -18.49 -9.01
C PRO B 10 23.24 -18.54 -9.41
N GLU B 11 22.42 -19.15 -8.55
CA GLU B 11 20.97 -19.24 -8.69
C GLU B 11 20.36 -17.89 -9.05
N VAL B 12 20.96 -16.82 -8.54
CA VAL B 12 20.41 -15.48 -8.71
C VAL B 12 20.45 -15.06 -10.18
N GLY B 13 21.53 -15.39 -10.88
CA GLY B 13 21.65 -15.00 -12.26
C GLY B 13 20.61 -15.64 -13.16
N GLU B 14 20.22 -16.88 -12.86
CA GLU B 14 19.25 -17.59 -13.69
C GLU B 14 17.81 -17.34 -13.26
N LEU B 15 17.57 -17.10 -11.97
CA LEU B 15 16.23 -16.70 -11.52
C LEU B 15 15.77 -15.45 -12.28
N ILE B 16 16.69 -14.54 -12.59
CA ILE B 16 16.34 -13.33 -13.31
C ILE B 16 15.79 -13.67 -14.69
N GLU B 17 16.46 -14.59 -15.39
CA GLU B 17 16.03 -14.93 -16.74
C GLU B 17 14.71 -15.71 -16.73
N LYS B 18 14.48 -16.54 -15.70
CA LYS B 18 13.21 -17.26 -15.63
C LYS B 18 12.05 -16.29 -15.42
N VAL B 19 12.22 -15.29 -14.55
CA VAL B 19 11.17 -14.33 -14.31
C VAL B 19 11.04 -13.35 -15.49
N ARG B 20 12.16 -13.01 -16.14
CA ARG B 20 12.07 -12.19 -17.34
C ARG B 20 11.36 -12.93 -18.46
N LYS B 21 11.70 -14.21 -18.67
CA LYS B 21 11.03 -14.99 -19.71
C LYS B 21 9.56 -15.20 -19.37
N ALA B 22 9.25 -15.43 -18.09
CA ALA B 22 7.87 -15.60 -17.68
C ALA B 22 7.05 -14.34 -17.98
N HIS B 23 7.63 -13.18 -17.72
CA HIS B 23 6.92 -11.93 -17.97
C HIS B 23 6.75 -11.67 -19.47
N GLN B 24 7.78 -11.95 -20.26
CA GLN B 24 7.71 -11.64 -21.68
C GLN B 24 6.70 -12.50 -22.41
N GLU B 25 6.46 -13.73 -21.94
CA GLU B 25 5.49 -14.61 -22.59
C GLU B 25 4.05 -14.28 -22.24
N THR B 26 3.82 -13.62 -21.11
CA THR B 26 2.47 -13.34 -20.64
C THR B 26 2.11 -11.87 -20.77
N PHE B 27 3.01 -11.03 -21.27
CA PHE B 27 2.76 -9.59 -21.34
C PHE B 27 3.56 -8.99 -22.47
N PRO B 28 2.98 -8.90 -23.68
CA PRO B 28 3.69 -8.27 -24.79
C PRO B 28 3.96 -6.80 -24.51
N ALA B 29 5.20 -6.39 -24.75
CA ALA B 29 5.62 -5.03 -24.44
C ALA B 29 5.02 -4.04 -25.44
N LEU B 30 5.08 -2.75 -25.06
CA LEU B 30 4.67 -1.69 -25.95
C LEU B 30 5.42 -1.73 -27.28
N CYS B 31 6.57 -2.39 -27.32
CA CYS B 31 7.32 -2.56 -28.56
C CYS B 31 6.50 -3.26 -29.62
N GLN B 32 5.99 -4.46 -29.31
CA GLN B 32 5.37 -5.33 -30.29
C GLN B 32 3.85 -5.27 -30.24
N LEU B 33 3.28 -4.07 -30.27
CA LEU B 33 1.83 -3.90 -30.23
C LEU B 33 1.42 -2.86 -31.27
N GLY B 34 0.45 -3.23 -32.11
CA GLY B 34 -0.09 -2.30 -33.08
C GLY B 34 -1.20 -1.45 -32.48
N LYS B 35 -0.90 -0.19 -32.21
CA LYS B 35 -1.84 0.69 -31.52
C LYS B 35 -3.06 0.97 -32.40
N TYR B 36 -4.21 1.14 -31.76
CA TYR B 36 -5.40 1.67 -32.40
C TYR B 36 -6.18 2.46 -31.37
N THR B 37 -6.95 3.35 -31.87
CA THR B 37 -7.70 4.23 -31.00
C THR B 37 -9.16 4.26 -31.41
N THR B 38 -9.96 4.79 -30.44
CA THR B 38 -11.36 5.04 -30.71
C THR B 38 -11.66 6.51 -30.42
N ASN B 39 -12.74 7.01 -31.01
CA ASN B 39 -13.10 8.42 -30.90
C ASN B 39 -14.17 8.69 -29.85
N ASN B 40 -15.00 7.70 -29.51
CA ASN B 40 -16.12 7.94 -28.62
C ASN B 40 -15.65 8.20 -27.19
N SER B 41 -16.29 9.19 -26.55
CA SER B 41 -16.03 9.52 -25.15
C SER B 41 -14.57 9.89 -24.91
N SER B 42 -14.01 10.71 -25.81
CA SER B 42 -12.63 11.15 -25.69
C SER B 42 -12.50 12.61 -25.25
N GLU B 43 -13.60 13.32 -25.12
CA GLU B 43 -13.58 14.73 -24.78
C GLU B 43 -14.28 15.03 -23.47
N GLN B 44 -15.44 14.44 -23.22
CA GLN B 44 -16.21 14.69 -22.02
C GLN B 44 -16.08 13.53 -21.05
N ARG B 45 -16.03 13.85 -19.75
CA ARG B 45 -15.95 12.84 -18.71
C ARG B 45 -17.36 12.40 -18.32
N VAL B 46 -17.61 11.10 -18.39
CA VAL B 46 -18.90 10.52 -18.03
C VAL B 46 -18.69 9.69 -16.76
N SER B 47 -19.81 9.29 -16.15
CA SER B 47 -19.73 8.36 -15.03
C SER B 47 -19.26 6.97 -15.48
N LEU B 48 -19.71 6.54 -16.65
CA LEU B 48 -19.24 5.29 -17.24
C LEU B 48 -19.69 5.13 -18.69
N ASP B 49 -18.72 5.06 -19.61
CA ASP B 49 -19.01 4.71 -21.01
C ASP B 49 -19.15 3.20 -21.12
N ILE B 50 -20.34 2.73 -21.51
CA ILE B 50 -20.61 1.30 -21.52
C ILE B 50 -19.75 0.59 -22.56
N ASP B 51 -19.56 1.21 -23.73
CA ASP B 51 -18.78 0.57 -24.78
C ASP B 51 -17.31 0.42 -24.37
N LEU B 52 -16.76 1.43 -23.70
CA LEU B 52 -15.39 1.31 -23.21
C LEU B 52 -15.32 0.35 -22.04
N TRP B 53 -16.34 0.34 -21.17
CA TRP B 53 -16.36 -0.58 -20.04
C TRP B 53 -16.38 -2.03 -20.52
N ASP B 54 -17.13 -2.32 -21.58
CA ASP B 54 -17.21 -3.69 -22.09
C ASP B 54 -15.85 -4.18 -22.56
N LYS B 55 -15.16 -3.37 -23.38
CA LYS B 55 -13.83 -3.76 -23.83
C LYS B 55 -12.83 -3.81 -22.69
N PHE B 56 -12.94 -2.86 -21.76
CA PHE B 56 -12.00 -2.79 -20.63
C PHE B 56 -12.13 -4.01 -19.73
N SER B 57 -13.36 -4.44 -19.45
CA SER B 57 -13.56 -5.58 -18.58
C SER B 57 -13.16 -6.88 -19.27
N GLU B 58 -13.42 -6.99 -20.58
CA GLU B 58 -12.97 -8.18 -21.31
C GLU B 58 -11.44 -8.24 -21.35
N LEU B 59 -10.79 -7.12 -21.64
CA LEU B 59 -9.33 -7.09 -21.64
C LEU B 59 -8.76 -7.35 -20.25
N SER B 60 -9.46 -6.90 -19.20
CA SER B 60 -8.99 -7.17 -17.85
C SER B 60 -9.07 -8.65 -17.52
N THR B 61 -10.18 -9.30 -17.89
CA THR B 61 -10.33 -10.72 -17.64
C THR B 61 -9.21 -11.52 -18.29
N LYS B 62 -8.80 -11.12 -19.50
CA LYS B 62 -7.78 -11.87 -20.22
C LYS B 62 -6.39 -11.66 -19.63
N CYS B 63 -6.10 -10.46 -19.13
CA CYS B 63 -4.81 -10.22 -18.50
C CYS B 63 -4.72 -10.86 -17.13
N ILE B 64 -5.87 -11.01 -16.46
CA ILE B 64 -5.92 -11.82 -15.24
C ILE B 64 -5.51 -13.25 -15.55
N ILE B 65 -6.05 -13.82 -16.62
CA ILE B 65 -5.66 -15.15 -17.06
C ILE B 65 -4.17 -15.19 -17.36
N LYS B 66 -3.64 -14.12 -17.97
CA LYS B 66 -2.21 -14.04 -18.26
C LYS B 66 -1.39 -13.97 -16.98
N THR B 67 -1.93 -13.38 -15.92
CA THR B 67 -1.22 -13.33 -14.65
C THR B 67 -1.15 -14.71 -14.00
N VAL B 68 -2.17 -15.50 -14.16
CA VAL B 68 -2.16 -16.82 -13.63
C VAL B 68 -1.09 -17.62 -14.35
N GLU B 69 -0.97 -17.40 -15.64
CA GLU B 69 0.01 -18.07 -16.42
C GLU B 69 1.38 -17.66 -15.99
N PHE B 70 1.58 -16.40 -15.64
CA PHE B 70 2.84 -15.92 -15.22
C PHE B 70 3.16 -16.49 -13.88
N ALA B 71 2.21 -16.50 -12.99
CA ALA B 71 2.46 -17.03 -11.65
C ALA B 71 2.93 -18.48 -11.71
N LYS B 72 2.38 -19.27 -12.65
CA LYS B 72 2.73 -20.69 -12.71
C LYS B 72 4.15 -20.93 -13.19
N GLN B 73 4.77 -19.95 -13.85
CA GLN B 73 6.16 -20.05 -14.28
C GLN B 73 7.14 -19.57 -13.22
N LEU B 74 6.66 -18.95 -12.14
CA LEU B 74 7.56 -18.47 -11.10
C LEU B 74 8.10 -19.66 -10.30
N PRO B 75 9.42 -19.75 -10.10
CA PRO B 75 9.97 -20.90 -9.37
C PRO B 75 9.38 -21.03 -7.97
N GLY B 76 8.77 -22.18 -7.71
CA GLY B 76 8.23 -22.50 -6.40
C GLY B 76 6.75 -22.21 -6.21
N PHE B 77 6.14 -21.44 -7.12
CA PHE B 77 4.76 -21.01 -6.89
C PHE B 77 3.80 -22.20 -6.91
N THR B 78 4.03 -23.17 -7.81
CA THR B 78 3.16 -24.33 -7.90
C THR B 78 3.40 -25.35 -6.79
N THR B 79 4.48 -25.21 -6.02
CA THR B 79 4.70 -26.06 -4.85
C THR B 79 3.87 -25.61 -3.65
N LEU B 80 3.31 -24.40 -3.68
CA LEU B 80 2.40 -23.97 -2.63
C LEU B 80 1.05 -24.65 -2.79
N THR B 81 0.28 -24.66 -1.72
CA THR B 81 -1.05 -25.27 -1.78
C THR B 81 -1.93 -24.49 -2.74
N ILE B 82 -2.95 -25.19 -3.27
CA ILE B 82 -3.91 -24.55 -4.16
C ILE B 82 -4.59 -23.39 -3.46
N ALA B 83 -4.94 -23.56 -2.18
CA ALA B 83 -5.57 -22.48 -1.43
C ALA B 83 -4.67 -21.26 -1.35
N ASP B 84 -3.37 -21.47 -1.14
CA ASP B 84 -2.44 -20.34 -1.03
C ASP B 84 -2.21 -19.68 -2.39
N GLN B 85 -2.12 -20.48 -3.46
CA GLN B 85 -1.97 -19.93 -4.79
C GLN B 85 -3.17 -19.04 -5.13
N ILE B 86 -4.38 -19.51 -4.84
CA ILE B 86 -5.57 -18.70 -5.06
C ILE B 86 -5.53 -17.44 -4.20
N THR B 87 -5.12 -17.58 -2.94
CA THR B 87 -5.10 -16.43 -2.03
C THR B 87 -4.10 -15.38 -2.48
N LEU B 88 -2.90 -15.80 -2.89
CA LEU B 88 -1.91 -14.85 -3.39
C LEU B 88 -2.38 -14.18 -4.67
N LEU B 89 -2.97 -14.95 -5.59
CA LEU B 89 -3.40 -14.39 -6.87
C LEU B 89 -4.54 -13.40 -6.68
N LYS B 90 -5.51 -13.70 -5.81
CA LYS B 90 -6.60 -12.77 -5.56
C LYS B 90 -6.10 -11.49 -4.89
N ALA B 91 -5.08 -11.59 -4.05
CA ALA B 91 -4.61 -10.42 -3.32
C ALA B 91 -3.73 -9.51 -4.16
N ALA B 92 -3.04 -10.06 -5.16
CA ALA B 92 -2.11 -9.29 -5.97
C ALA B 92 -2.64 -9.01 -7.36
N CYS B 93 -3.89 -9.38 -7.65
CA CYS B 93 -4.42 -9.30 -9.01
C CYS B 93 -4.46 -7.86 -9.50
N LEU B 94 -5.05 -6.95 -8.73
CA LEU B 94 -5.12 -5.55 -9.13
C LEU B 94 -3.74 -4.93 -9.26
N ASP B 95 -2.86 -5.21 -8.29
CA ASP B 95 -1.50 -4.67 -8.32
C ASP B 95 -0.82 -4.98 -9.65
N ILE B 96 -0.84 -6.25 -10.06
CA ILE B 96 -0.15 -6.66 -11.27
C ILE B 96 -0.85 -6.09 -12.50
N LEU B 97 -2.19 -6.05 -12.49
CA LEU B 97 -2.92 -5.40 -13.58
C LEU B 97 -2.54 -3.94 -13.70
N ILE B 98 -2.57 -3.21 -12.57
CA ILE B 98 -2.28 -1.77 -12.61
C ILE B 98 -0.83 -1.53 -13.01
N LEU B 99 0.09 -2.35 -12.50
CA LEU B 99 1.50 -2.22 -12.86
C LEU B 99 1.70 -2.46 -14.35
N ARG B 100 1.01 -3.46 -14.90
CA ARG B 100 1.18 -3.79 -16.31
C ARG B 100 0.72 -2.64 -17.22
N ILE B 101 -0.46 -2.09 -16.97
CA ILE B 101 -0.99 -1.06 -17.86
C ILE B 101 -0.20 0.23 -17.70
N CYS B 102 0.41 0.44 -16.52
CA CYS B 102 1.20 1.65 -16.29
C CYS B 102 2.55 1.57 -16.99
N THR B 103 3.05 0.37 -17.24
CA THR B 103 4.28 0.21 -18.01
C THR B 103 4.03 0.29 -19.51
N ARG B 104 2.77 0.45 -19.92
CA ARG B 104 2.41 0.69 -21.31
C ARG B 104 1.97 2.14 -21.52
N TYR B 105 2.49 3.04 -20.70
CA TYR B 105 2.13 4.45 -20.76
C TYR B 105 3.06 5.17 -21.73
N THR B 106 2.47 5.90 -22.68
CA THR B 106 3.23 6.69 -23.63
C THR B 106 3.24 8.14 -23.18
N PRO B 107 4.36 8.68 -22.70
CA PRO B 107 4.34 10.03 -22.11
C PRO B 107 3.97 11.14 -23.09
N GLU B 108 4.44 11.10 -24.34
CA GLU B 108 4.22 12.22 -25.24
C GLU B 108 2.74 12.34 -25.63
N GLN B 109 2.05 11.22 -25.72
CA GLN B 109 0.63 11.21 -26.03
C GLN B 109 -0.24 11.22 -24.78
N ASP B 110 0.32 10.92 -23.61
CA ASP B 110 -0.44 10.75 -22.36
C ASP B 110 -1.50 9.66 -22.51
N THR B 111 -1.08 8.49 -22.98
CA THR B 111 -1.99 7.38 -23.27
C THR B 111 -1.46 6.10 -22.64
N MET B 112 -2.34 5.10 -22.60
CA MET B 112 -1.98 3.75 -22.17
C MET B 112 -2.53 2.76 -23.18
N THR B 113 -1.75 1.73 -23.47
CA THR B 113 -2.06 0.79 -24.55
C THR B 113 -2.29 -0.60 -23.97
N PHE B 114 -3.45 -1.18 -24.27
CA PHE B 114 -3.78 -2.50 -23.78
C PHE B 114 -3.14 -3.58 -24.67
N SER B 115 -3.31 -4.84 -24.28
CA SER B 115 -2.59 -5.93 -24.93
C SER B 115 -3.07 -6.19 -26.34
N ASP B 116 -4.28 -5.81 -26.70
CA ASP B 116 -4.75 -5.90 -28.07
C ASP B 116 -4.45 -4.66 -28.88
N GLY B 117 -3.75 -3.68 -28.31
CA GLY B 117 -3.40 -2.46 -29.00
C GLY B 117 -4.30 -1.27 -28.68
N LEU B 118 -5.41 -1.49 -27.97
CA LEU B 118 -6.30 -0.40 -27.61
C LEU B 118 -5.56 0.66 -26.81
N THR B 119 -5.56 1.89 -27.33
CA THR B 119 -4.79 2.99 -26.78
C THR B 119 -5.76 4.09 -26.37
N LEU B 120 -5.81 4.38 -25.07
CA LEU B 120 -6.80 5.29 -24.50
C LEU B 120 -6.09 6.47 -23.86
N ASN B 121 -6.74 7.63 -23.91
CA ASN B 121 -6.22 8.80 -23.23
C ASN B 121 -6.78 8.86 -21.82
N ARG B 122 -6.39 9.90 -21.09
CA ARG B 122 -6.78 10.04 -19.69
C ARG B 122 -8.30 10.00 -19.52
N THR B 123 -9.00 10.83 -20.30
CA THR B 123 -10.46 10.90 -20.20
C THR B 123 -11.11 9.55 -20.52
N GLN B 124 -10.57 8.83 -21.49
CA GLN B 124 -11.11 7.52 -21.85
C GLN B 124 -10.82 6.50 -20.76
N MET B 125 -9.62 6.54 -20.18
CA MET B 125 -9.33 5.68 -19.04
C MET B 125 -10.32 5.95 -17.91
N HIS B 126 -10.64 7.21 -17.67
CA HIS B 126 -11.64 7.54 -16.66
C HIS B 126 -12.99 6.96 -17.02
N ASN B 127 -13.44 7.22 -18.24
CA ASN B 127 -14.78 6.78 -18.66
C ASN B 127 -14.88 5.27 -18.78
N ALA B 128 -13.76 4.56 -18.93
CA ALA B 128 -13.81 3.11 -19.05
C ALA B 128 -14.09 2.42 -17.72
N GLY B 129 -13.84 3.10 -16.60
CA GLY B 129 -14.12 2.51 -15.30
C GLY B 129 -13.18 2.97 -14.21
N PHE B 130 -12.07 3.61 -14.59
CA PHE B 130 -11.10 4.06 -13.59
C PHE B 130 -11.70 5.11 -12.68
N GLY B 131 -12.52 6.01 -13.23
CA GLY B 131 -13.18 7.02 -12.44
C GLY B 131 -12.21 7.85 -11.64
N PRO B 132 -12.48 8.01 -10.35
CA PRO B 132 -11.60 8.84 -9.50
C PRO B 132 -10.20 8.26 -9.32
N LEU B 133 -9.92 7.06 -9.82
CA LEU B 133 -8.58 6.50 -9.76
C LEU B 133 -7.68 7.00 -10.88
N THR B 134 -8.23 7.68 -11.88
CA THR B 134 -7.49 7.94 -13.12
C THR B 134 -6.21 8.71 -12.84
N ASP B 135 -6.30 9.82 -12.12
CA ASP B 135 -5.13 10.64 -11.85
C ASP B 135 -4.11 9.91 -10.98
N LEU B 136 -4.57 9.02 -10.09
CA LEU B 136 -3.64 8.21 -9.31
C LEU B 136 -2.86 7.26 -10.20
N VAL B 137 -3.54 6.61 -11.15
CA VAL B 137 -2.88 5.66 -12.02
C VAL B 137 -1.93 6.38 -12.98
N PHE B 138 -2.37 7.51 -13.54
CA PHE B 138 -1.51 8.23 -14.48
C PHE B 138 -0.30 8.84 -13.79
N ALA B 139 -0.46 9.27 -12.53
CA ALA B 139 0.68 9.78 -11.78
C ALA B 139 1.71 8.68 -11.52
N PHE B 140 1.24 7.47 -11.18
CA PHE B 140 2.15 6.36 -10.94
C PHE B 140 2.90 5.98 -12.21
N ALA B 141 2.21 5.95 -13.36
CA ALA B 141 2.90 5.63 -14.60
C ALA B 141 3.96 6.66 -14.96
N ASN B 142 3.78 7.92 -14.52
CA ASN B 142 4.82 8.91 -14.72
C ASN B 142 5.98 8.70 -13.74
N GLN B 143 5.67 8.35 -12.48
CA GLN B 143 6.72 8.09 -11.51
C GLN B 143 7.56 6.87 -11.89
N LEU B 144 7.03 5.97 -12.73
CA LEU B 144 7.84 4.83 -13.17
C LEU B 144 8.88 5.23 -14.21
N LEU B 145 8.63 6.32 -14.94
CA LEU B 145 9.50 6.69 -16.06
C LEU B 145 10.96 6.85 -15.69
N PRO B 146 11.35 7.62 -14.66
CA PRO B 146 12.77 7.76 -14.35
C PRO B 146 13.47 6.46 -13.96
N LEU B 147 12.72 5.40 -13.70
CA LEU B 147 13.31 4.11 -13.34
C LEU B 147 13.83 3.35 -14.56
N GLU B 148 13.33 3.68 -15.74
CA GLU B 148 13.69 3.02 -16.99
C GLU B 148 13.55 1.52 -16.90
N MET B 149 12.38 1.07 -16.54
CA MET B 149 12.16 -0.34 -16.38
C MET B 149 12.14 -1.18 -17.61
N ASP B 150 12.72 -2.34 -17.50
CA ASP B 150 12.70 -3.31 -18.59
C ASP B 150 11.83 -4.49 -18.17
N ASP B 151 11.84 -5.55 -19.00
CA ASP B 151 10.96 -6.69 -18.75
C ASP B 151 11.41 -7.48 -17.53
N ALA B 152 12.71 -7.53 -17.25
CA ALA B 152 13.17 -8.25 -16.06
C ALA B 152 12.71 -7.55 -14.79
N GLU B 153 12.79 -6.23 -14.76
CA GLU B 153 12.38 -5.49 -13.57
C GLU B 153 10.87 -5.54 -13.39
N THR B 154 10.11 -5.40 -14.47
CA THR B 154 8.65 -5.44 -14.34
C THR B 154 8.18 -6.81 -13.87
N GLY B 155 8.82 -7.87 -14.37
CA GLY B 155 8.46 -9.21 -13.92
C GLY B 155 8.86 -9.47 -12.49
N LEU B 156 10.02 -8.93 -12.08
CA LEU B 156 10.48 -9.15 -10.71
C LEU B 156 9.60 -8.42 -9.70
N LEU B 157 9.22 -7.17 -9.99
CA LEU B 157 8.30 -6.50 -9.08
C LEU B 157 6.92 -7.14 -9.08
N SER B 158 6.50 -7.69 -10.22
CA SER B 158 5.25 -8.44 -10.26
C SER B 158 5.34 -9.69 -9.40
N ALA B 159 6.44 -10.45 -9.56
CA ALA B 159 6.64 -11.63 -8.73
C ALA B 159 6.70 -11.28 -7.25
N ILE B 160 7.41 -10.19 -6.92
CA ILE B 160 7.58 -9.81 -5.52
C ILE B 160 6.24 -9.42 -4.90
N CYS B 161 5.42 -8.68 -5.66
CA CYS B 161 4.10 -8.30 -5.15
CA CYS B 161 4.11 -8.31 -5.14
C CYS B 161 3.19 -9.51 -4.98
N LEU B 162 3.35 -10.52 -5.85
CA LEU B 162 2.49 -11.70 -5.80
C LEU B 162 2.92 -12.65 -4.69
N ILE B 163 4.20 -12.96 -4.60
CA ILE B 163 4.69 -13.93 -3.60
C ILE B 163 4.99 -13.11 -2.34
N CYS B 164 3.93 -12.84 -1.59
CA CYS B 164 3.99 -11.98 -0.41
C CYS B 164 3.39 -12.74 0.76
N GLY B 165 4.21 -13.11 1.74
CA GLY B 165 3.72 -13.86 2.86
C GLY B 165 3.02 -13.05 3.93
N ASP B 166 2.79 -11.76 3.68
CA ASP B 166 2.02 -10.93 4.59
C ASP B 166 0.55 -10.90 4.23
N ARG B 167 0.15 -11.59 3.17
CA ARG B 167 -1.25 -11.65 2.80
C ARG B 167 -2.06 -12.34 3.90
N GLN B 168 -3.31 -11.93 4.04
CA GLN B 168 -4.18 -12.55 5.02
C GLN B 168 -4.56 -13.96 4.60
N ASP B 169 -4.82 -14.80 5.60
CA ASP B 169 -5.41 -16.13 5.40
C ASP B 169 -4.49 -17.07 4.62
N LEU B 170 -3.18 -16.85 4.68
CA LEU B 170 -2.23 -17.78 4.09
C LEU B 170 -2.03 -18.97 5.01
N GLU B 171 -1.94 -20.16 4.41
CA GLU B 171 -1.78 -21.37 5.21
C GLU B 171 -0.32 -21.58 5.63
N GLN B 172 0.62 -21.27 4.74
CA GLN B 172 2.05 -21.42 5.01
C GLN B 172 2.76 -20.11 4.66
N PRO B 173 2.52 -19.05 5.42
CA PRO B 173 3.15 -17.75 5.09
C PRO B 173 4.66 -17.79 5.10
N ASP B 174 5.27 -18.57 5.99
CA ASP B 174 6.72 -18.64 6.05
C ASP B 174 7.31 -19.29 4.80
N ARG B 175 6.57 -20.16 4.18
CA ARG B 175 7.03 -20.77 2.99
C ARG B 175 6.97 -19.77 1.83
N VAL B 176 5.95 -18.96 1.80
CA VAL B 176 5.77 -17.95 0.80
C VAL B 176 6.91 -16.98 0.91
N ASP B 177 7.25 -16.62 2.12
CA ASP B 177 8.31 -15.69 2.36
C ASP B 177 9.68 -16.24 2.08
N MET B 178 9.82 -17.54 2.01
CA MET B 178 11.07 -18.16 1.68
C MET B 178 11.23 -18.07 0.19
N LEU B 179 10.12 -17.98 -0.52
CA LEU B 179 10.17 -17.82 -1.96
C LEU B 179 10.39 -16.38 -2.39
N GLN B 180 9.98 -15.42 -1.57
CA GLN B 180 10.09 -14.01 -1.95
C GLN B 180 11.50 -13.48 -1.75
N GLU B 181 12.19 -13.94 -0.71
CA GLU B 181 13.53 -13.44 -0.44
C GLU B 181 14.49 -13.65 -1.62
N PRO B 182 14.51 -14.80 -2.31
CA PRO B 182 15.33 -14.88 -3.54
C PRO B 182 14.92 -13.87 -4.60
N LEU B 183 13.61 -13.60 -4.73
CA LEU B 183 13.16 -12.62 -5.72
C LEU B 183 13.67 -11.22 -5.39
N LEU B 184 13.71 -10.88 -4.09
CA LEU B 184 14.22 -9.57 -3.69
C LEU B 184 15.72 -9.47 -3.96
N GLU B 185 16.46 -10.55 -3.70
CA GLU B 185 17.89 -10.53 -3.97
C GLU B 185 18.17 -10.42 -5.46
N ALA B 186 17.34 -11.06 -6.30
CA ALA B 186 17.55 -11.01 -7.74
C ALA B 186 17.37 -9.59 -8.27
N LEU B 187 16.32 -8.91 -7.82
CA LEU B 187 16.10 -7.52 -8.23
C LEU B 187 17.23 -6.62 -7.73
N LYS B 188 17.68 -6.83 -6.50
CA LYS B 188 18.78 -6.05 -5.96
C LYS B 188 20.05 -6.23 -6.80
N VAL B 189 20.32 -7.45 -7.24
CA VAL B 189 21.51 -7.70 -8.06
C VAL B 189 21.31 -7.16 -9.46
N TYR B 190 20.09 -7.29 -10.01
CA TYR B 190 19.85 -6.85 -11.38
C TYR B 190 20.02 -5.34 -11.52
N VAL B 191 19.46 -4.57 -10.59
CA VAL B 191 19.58 -3.12 -10.67
C VAL B 191 21.01 -2.66 -10.43
N ARG B 192 21.82 -3.46 -9.75
CA ARG B 192 23.24 -3.15 -9.63
C ARG B 192 23.99 -3.39 -10.92
N LYS B 193 23.46 -4.24 -11.80
CA LYS B 193 24.13 -4.59 -13.06
C LYS B 193 23.73 -3.67 -14.20
N ARG B 194 22.53 -3.11 -14.18
CA ARG B 194 22.15 -2.11 -15.18
C ARG B 194 22.93 -0.83 -14.89
N ARG B 195 22.59 -0.15 -13.81
CA ARG B 195 23.45 0.85 -13.17
C ARG B 195 22.77 1.40 -11.92
N ARG B 198 20.13 7.95 -11.26
CA ARG B 198 20.08 7.75 -9.81
C ARG B 198 20.88 6.52 -9.40
N PRO B 199 21.59 6.62 -8.26
CA PRO B 199 22.48 5.53 -7.86
C PRO B 199 21.86 4.53 -6.87
N HIS B 200 20.74 4.90 -6.24
CA HIS B 200 20.13 4.01 -5.24
C HIS B 200 18.83 3.42 -5.77
N MET B 201 18.91 2.69 -6.88
CA MET B 201 17.71 2.24 -7.57
C MET B 201 16.90 1.23 -6.75
N PHE B 202 17.58 0.34 -6.03
CA PHE B 202 16.87 -0.77 -5.39
C PHE B 202 15.84 -0.31 -4.36
N PRO B 203 16.16 0.55 -3.38
CA PRO B 203 15.10 0.99 -2.46
C PRO B 203 14.01 1.81 -3.13
N LYS B 204 14.34 2.55 -4.20
CA LYS B 204 13.32 3.36 -4.86
C LYS B 204 12.31 2.50 -5.61
N MET B 205 12.76 1.36 -6.14
CA MET B 205 11.83 0.45 -6.78
C MET B 205 10.91 -0.20 -5.75
N LEU B 206 11.45 -0.58 -4.59
CA LEU B 206 10.61 -1.14 -3.54
C LEU B 206 9.57 -0.13 -3.06
N MET B 207 9.96 1.16 -3.00
CA MET B 207 9.00 2.18 -2.62
C MET B 207 7.88 2.30 -3.65
N LYS B 208 8.17 2.04 -4.93
CA LYS B 208 7.13 2.04 -5.93
C LYS B 208 6.10 0.95 -5.67
N ILE B 209 6.50 -0.13 -5.00
CA ILE B 209 5.54 -1.16 -4.61
C ILE B 209 4.59 -0.62 -3.55
N THR B 210 5.10 0.21 -2.62
CA THR B 210 4.22 0.82 -1.62
C THR B 210 3.15 1.68 -2.29
N ASP B 211 3.53 2.45 -3.31
CA ASP B 211 2.55 3.23 -4.06
C ASP B 211 1.52 2.32 -4.72
N LEU B 212 1.97 1.27 -5.37
CA LEU B 212 1.09 0.38 -6.06
C LEU B 212 0.07 -0.24 -5.17
N ARG B 213 0.53 -0.76 -4.07
CA ARG B 213 -0.35 -1.39 -3.14
C ARG B 213 -1.37 -0.44 -2.60
N SER B 214 -1.00 0.80 -2.43
CA SER B 214 -1.91 1.79 -1.95
C SER B 214 -2.95 2.08 -3.00
N ILE B 215 -2.52 2.14 -4.24
CA ILE B 215 -3.43 2.38 -5.37
C ILE B 215 -4.40 1.22 -5.53
N SER B 216 -3.91 -0.02 -5.41
CA SER B 216 -4.78 -1.18 -5.64
C SER B 216 -5.77 -1.37 -4.50
N ALA B 217 -5.43 -0.95 -3.29
CA ALA B 217 -6.42 -0.96 -2.22
C ALA B 217 -7.56 0.00 -2.53
N LYS B 218 -7.22 1.18 -3.05
CA LYS B 218 -8.27 2.09 -3.50
C LYS B 218 -9.00 1.54 -4.71
N GLY B 219 -8.33 0.72 -5.52
CA GLY B 219 -9.01 0.06 -6.61
C GLY B 219 -10.06 -0.93 -6.14
N ALA B 220 -9.78 -1.62 -5.02
CA ALA B 220 -10.76 -2.56 -4.49
C ALA B 220 -12.03 -1.85 -4.08
N GLU B 221 -11.92 -0.63 -3.56
CA GLU B 221 -13.11 0.16 -3.26
C GLU B 221 -13.83 0.59 -4.54
N ARG B 222 -13.07 0.98 -5.57
CA ARG B 222 -13.68 1.39 -6.83
C ARG B 222 -14.48 0.25 -7.46
N VAL B 223 -14.06 -1.00 -7.26
CA VAL B 223 -14.80 -2.14 -7.78
C VAL B 223 -16.22 -2.16 -7.23
N ILE B 224 -16.37 -1.86 -5.94
CA ILE B 224 -17.71 -1.90 -5.34
C ILE B 224 -18.59 -0.80 -5.92
N THR B 225 -18.04 0.41 -6.08
CA THR B 225 -18.79 1.48 -6.70
C THR B 225 -19.11 1.16 -8.16
N LEU B 226 -18.26 0.36 -8.82
CA LEU B 226 -18.47 0.09 -10.24
C LEU B 226 -19.67 -0.81 -10.47
N LYS B 227 -19.83 -1.77 -9.58
CA LYS B 227 -20.93 -2.70 -9.57
C LYS B 227 -22.26 -2.01 -9.51
N MET B 228 -22.32 -0.84 -8.93
CA MET B 228 -23.54 -0.05 -8.91
C MET B 228 -23.78 0.64 -10.25
N GLU B 229 -22.71 1.08 -10.92
CA GLU B 229 -22.82 1.91 -12.11
C GLU B 229 -22.86 1.11 -13.41
N ILE B 230 -22.30 -0.10 -13.44
CA ILE B 230 -22.24 -0.88 -14.68
C ILE B 230 -23.63 -1.41 -15.00
N PRO B 231 -23.94 -1.68 -16.27
CA PRO B 231 -25.28 -2.18 -16.61
C PRO B 231 -25.62 -3.48 -15.91
N GLY B 232 -25.03 -4.59 -16.37
CA GLY B 232 -25.34 -5.88 -15.81
C GLY B 232 -24.47 -6.26 -14.62
N SER B 233 -23.73 -7.36 -14.76
CA SER B 233 -22.87 -7.84 -13.69
C SER B 233 -21.42 -7.88 -14.16
N MET B 234 -20.53 -8.06 -13.19
CA MET B 234 -19.11 -8.19 -13.50
C MET B 234 -18.83 -9.56 -14.12
N PRO B 235 -17.87 -9.63 -15.04
CA PRO B 235 -17.49 -10.93 -15.60
C PRO B 235 -17.18 -11.93 -14.51
N PRO B 236 -17.45 -13.22 -14.74
CA PRO B 236 -17.35 -14.20 -13.64
C PRO B 236 -15.97 -14.28 -13.01
N LEU B 237 -14.90 -14.14 -13.79
CA LEU B 237 -13.57 -14.28 -13.22
C LEU B 237 -13.19 -13.07 -12.38
N ILE B 238 -13.52 -11.85 -12.84
CA ILE B 238 -13.23 -10.66 -12.07
C ILE B 238 -13.99 -10.68 -10.75
N GLN B 239 -15.30 -10.95 -10.83
CA GLN B 239 -16.11 -11.09 -9.61
C GLN B 239 -15.53 -12.13 -8.69
N GLU B 240 -14.92 -13.16 -9.25
CA GLU B 240 -14.29 -14.21 -8.45
C GLU B 240 -13.01 -13.73 -7.80
N MET B 241 -12.15 -13.05 -8.57
CA MET B 241 -10.87 -12.57 -8.05
C MET B 241 -11.07 -11.47 -7.00
N LEU B 242 -12.08 -10.63 -7.18
CA LEU B 242 -12.30 -9.45 -6.35
C LEU B 242 -13.60 -9.67 -5.58
N GLU B 243 -13.49 -10.32 -4.43
CA GLU B 243 -14.65 -10.62 -3.60
C GLU B 243 -14.19 -10.72 -2.15
N ASN B 244 -15.11 -10.42 -1.23
CA ASN B 244 -14.83 -10.55 0.19
C ASN B 244 -15.72 -11.62 0.82
N HIS C 2 -5.92 21.39 7.84
CA HIS C 2 -5.76 22.71 7.25
C HIS C 2 -5.75 23.80 8.32
N LYS C 3 -6.94 24.29 8.70
CA LYS C 3 -7.02 25.38 9.67
C LYS C 3 -6.17 25.07 10.90
N ILE C 4 -6.53 24.02 11.65
CA ILE C 4 -5.78 23.70 12.85
C ILE C 4 -4.36 23.26 12.49
N LEU C 5 -4.27 22.48 11.44
CA LEU C 5 -3.04 21.91 10.98
C LEU C 5 -2.02 22.93 10.71
N HIS C 6 -2.46 24.00 10.14
CA HIS C 6 -1.64 25.12 9.83
C HIS C 6 -0.92 25.78 10.98
N ARG C 7 -1.64 26.04 12.03
CA ARG C 7 -1.10 26.67 13.19
C ARG C 7 -0.15 25.77 13.91
N LEU C 8 -0.36 24.47 13.81
CA LEU C 8 0.52 23.55 14.44
C LEU C 8 1.86 23.61 13.77
N LEU C 9 1.88 23.91 12.48
CA LEU C 9 3.13 24.03 11.74
C LEU C 9 3.79 25.39 11.93
N GLN C 10 3.01 26.45 12.07
CA GLN C 10 3.53 27.78 12.37
C GLN C 10 3.47 28.08 13.86
N ASP C 11 3.96 27.15 14.67
CA ASP C 11 3.83 27.24 16.12
C ASP C 11 5.11 27.86 16.68
N SER C 12 5.06 29.16 16.96
CA SER C 12 6.00 29.73 17.91
C SER C 12 5.51 28.80 19.02
N SER C 13 6.36 27.86 19.41
CA SER C 13 5.76 26.80 20.20
C SER C 13 5.92 27.05 21.69
N SER C 14 4.90 26.67 22.41
CA SER C 14 4.49 27.18 23.70
C SER C 14 3.43 26.23 24.19
N PRO C 15 3.54 25.76 25.44
CA PRO C 15 2.48 24.90 25.97
C PRO C 15 1.11 25.55 26.01
N VAL C 16 1.06 26.86 26.06
CA VAL C 16 -0.21 27.52 26.03
C VAL C 16 -0.80 27.49 24.64
N ASP C 17 -0.01 27.74 23.63
CA ASP C 17 -0.50 27.68 22.26
C ASP C 17 -0.94 26.26 21.95
N LEU C 18 -0.16 25.32 22.40
CA LEU C 18 -0.44 23.95 22.15
C LEU C 18 -1.70 23.47 22.79
N ALA C 19 -1.92 23.90 24.01
CA ALA C 19 -3.14 23.57 24.73
C ALA C 19 -4.36 24.11 24.01
N LYS C 20 -4.26 25.32 23.46
CA LYS C 20 -5.37 25.90 22.71
C LYS C 20 -5.67 25.10 21.45
N LEU C 21 -4.64 24.77 20.68
CA LEU C 21 -4.83 24.00 19.45
C LEU C 21 -5.34 22.59 19.74
N THR C 22 -4.94 22.00 20.88
CA THR C 22 -5.42 20.67 21.23
C THR C 22 -6.91 20.68 21.51
N ALA C 23 -7.40 21.69 22.24
CA ALA C 23 -8.83 21.78 22.52
C ALA C 23 -9.62 22.02 21.22
N GLU C 24 -9.11 22.90 20.35
CA GLU C 24 -9.74 23.08 19.04
C GLU C 24 -9.70 21.79 18.24
N ALA C 25 -8.57 21.08 18.25
CA ALA C 25 -8.46 19.81 17.55
C ALA C 25 -9.45 18.79 18.11
N THR C 26 -9.65 18.81 19.43
CA THR C 26 -10.56 17.87 20.07
C THR C 26 -12.01 18.23 19.78
N GLY C 27 -12.37 19.50 19.93
CA GLY C 27 -13.74 19.93 19.71
C GLY C 27 -14.45 20.33 20.99
N HIS D 2 -11.93 -19.14 -7.13
CA HIS D 2 -12.95 -20.08 -6.73
C HIS D 2 -13.16 -21.16 -7.78
N LYS D 3 -14.13 -20.97 -8.67
CA LYS D 3 -14.50 -22.04 -9.59
C LYS D 3 -13.69 -22.02 -10.88
N ILE D 4 -13.40 -20.85 -11.44
CA ILE D 4 -12.60 -20.79 -12.65
C ILE D 4 -11.10 -20.67 -12.36
N LEU D 5 -10.73 -19.94 -11.30
CA LEU D 5 -9.32 -19.85 -10.95
C LEU D 5 -8.74 -21.21 -10.61
N HIS D 6 -9.55 -22.08 -10.01
N HIS D 6 -9.55 -22.06 -9.98
CA HIS D 6 -9.09 -23.43 -9.70
CA HIS D 6 -9.13 -23.44 -9.69
C HIS D 6 -8.74 -24.20 -10.98
C HIS D 6 -8.73 -24.16 -10.98
N ARG D 7 -9.61 -24.13 -11.98
CA ARG D 7 -9.36 -24.86 -13.22
C ARG D 7 -8.23 -24.23 -14.03
N LEU D 8 -8.04 -22.92 -13.92
CA LEU D 8 -6.90 -22.30 -14.61
C LEU D 8 -5.58 -22.67 -13.96
N LEU D 9 -5.57 -22.91 -12.68
CA LEU D 9 -4.36 -23.31 -12.02
C LEU D 9 -4.07 -24.80 -12.13
N GLN D 10 -5.04 -25.64 -11.80
CA GLN D 10 -4.88 -27.08 -11.83
C GLN D 10 -5.28 -27.50 -13.22
N ASP D 11 -4.49 -27.07 -14.17
CA ASP D 11 -4.82 -27.26 -15.58
C ASP D 11 -3.68 -27.96 -16.29
N SER D 12 -3.98 -29.10 -16.91
CA SER D 12 -3.13 -29.63 -17.97
C SER D 12 -3.28 -28.72 -19.18
N SER D 13 -2.16 -28.19 -19.66
CA SER D 13 -2.20 -27.19 -20.72
C SER D 13 -2.75 -27.76 -22.01
N SER D 14 -3.28 -26.86 -22.86
CA SER D 14 -3.88 -27.12 -24.18
C SER D 14 -4.50 -25.82 -24.63
N PRO D 15 -4.57 -25.52 -25.91
CA PRO D 15 -5.30 -24.32 -26.35
C PRO D 15 -6.82 -24.50 -26.27
N VAL D 16 -7.29 -25.76 -26.35
CA VAL D 16 -8.72 -26.01 -26.33
C VAL D 16 -9.30 -25.84 -24.94
N ASP D 17 -8.60 -26.34 -23.91
CA ASP D 17 -9.08 -26.19 -22.55
CA ASP D 17 -9.08 -26.19 -22.55
C ASP D 17 -9.01 -24.73 -22.10
N LEU D 18 -7.93 -24.03 -22.47
CA LEU D 18 -7.80 -22.63 -22.12
C LEU D 18 -8.86 -21.78 -22.83
N ALA D 19 -9.21 -22.14 -24.07
CA ALA D 19 -10.26 -21.42 -24.78
C ALA D 19 -11.60 -21.55 -24.06
N LYS D 20 -11.87 -22.71 -23.46
CA LYS D 20 -13.12 -22.89 -22.73
C LYS D 20 -13.13 -22.09 -21.44
N LEU D 21 -12.03 -22.14 -20.67
CA LEU D 21 -11.95 -21.37 -19.44
C LEU D 21 -11.99 -19.87 -19.69
N THR D 22 -11.43 -19.42 -20.81
CA THR D 22 -11.52 -18.00 -21.16
C THR D 22 -12.97 -17.61 -21.42
N ALA D 23 -13.73 -18.47 -22.11
CA ALA D 23 -15.13 -18.18 -22.39
C ALA D 23 -15.94 -18.10 -21.10
N GLU D 24 -15.69 -19.02 -20.17
CA GLU D 24 -16.36 -18.94 -18.88
C GLU D 24 -15.92 -17.72 -18.08
N ALA D 25 -14.64 -17.35 -18.20
CA ALA D 25 -14.14 -16.20 -17.45
C ALA D 25 -14.78 -14.90 -17.93
N THR D 26 -15.07 -14.79 -19.23
CA THR D 26 -15.64 -13.56 -19.77
C THR D 26 -17.16 -13.53 -19.70
N GLY D 27 -17.81 -14.69 -19.76
CA GLY D 27 -19.26 -14.75 -19.68
C GLY D 27 -19.97 -14.62 -21.01
#